data_6Y0K
#
_entry.id   6Y0K
#
_cell.length_a   130.600
_cell.length_b   130.600
_cell.length_c   114.590
_cell.angle_alpha   90.000
_cell.angle_beta   90.000
_cell.angle_gamma   120.000
#
_symmetry.space_group_name_H-M   'P 61 2 2'
#
loop_
_entity.id
_entity.type
_entity.pdbx_description
1 polymer 'Putaitve sulfite oxidase'
2 non-polymer (MOLYBDOPTERIN-S,S)-OXO-MOLYBDENUM
3 non-polymer GLYCEROL
4 non-polymer 'PHOSPHATE ION'
5 water water
#
_entity_poly.entity_id   1
_entity_poly.type   'polypeptide(L)'
_entity_poly.pdbx_seq_one_letter_code
;MQQAPTADQLVKGKNPKLLVLSQRPIVLETPYDLLVSQPERTPKEILYIRNNVDLPGYNTVEGASLDGWKVEVGGLVDKP
FTFEAKELLELPQHEVTMVLQCSGNGRSLFQPRTSGNPWKRGGVGNVTFRGVRLKDLLEAKGVKLGEKALYITAHASRQG
NAPEFVRSVPIHALGHALLALSMNGEPLPAVHGGPIRLVFPGYFGVNNVKWVQKIEFTEAENTTAEQMPRYRVPAIPNAN
IPFLPQEPGKTYPYSFTNSRPNWLVAINSFIFAPLEGQTVEGPYVRVEGVAFNDGIVPLVSVEVSANGGRTWQQARLERQ
EKSFGWVRWQATLYLRPGEHEVMARAWDAVGRSQPLDGNIAWNERGYEYNGVMRVKFTVAHHHHHH
;
_entity_poly.pdbx_strand_id   AAA
#
loop_
_chem_comp.id
_chem_comp.type
_chem_comp.name
_chem_comp.formula
GOL non-polymer GLYCEROL 'C3 H8 O3'
MSS non-polymer (MOLYBDOPTERIN-S,S)-OXO-MOLYBDENUM 'C10 H12 Mo N5 O7 P S2'
PO4 non-polymer 'PHOSPHATE ION' 'O4 P -3'
#
# COMPACT_ATOMS: atom_id res chain seq x y z
N ALA A 4 16.55 -2.69 20.68
CA ALA A 4 16.24 -3.05 22.10
C ALA A 4 14.84 -2.59 22.49
N PRO A 5 14.39 -1.36 22.16
CA PRO A 5 13.00 -0.98 22.36
C PRO A 5 12.03 -1.87 21.56
N THR A 6 10.91 -2.26 22.18
CA THR A 6 9.79 -2.99 21.52
C THR A 6 8.87 -1.97 20.83
N ALA A 7 8.00 -2.43 19.92
CA ALA A 7 7.11 -1.56 19.11
C ALA A 7 6.27 -0.64 20.02
N ASP A 8 5.73 -1.19 21.11
CA ASP A 8 4.87 -0.45 22.08
C ASP A 8 5.65 0.68 22.76
N GLN A 9 6.96 0.56 22.92
CA GLN A 9 7.82 1.63 23.53
C GLN A 9 8.11 2.73 22.49
N LEU A 10 8.20 2.40 21.19
CA LEU A 10 8.44 3.39 20.10
C LEU A 10 7.15 4.14 19.78
N VAL A 11 6.02 3.45 19.81
CA VAL A 11 4.71 4.02 19.40
C VAL A 11 3.67 3.55 20.42
N LYS A 12 3.16 4.48 21.23
CA LYS A 12 2.17 4.15 22.31
C LYS A 12 0.96 3.50 21.65
N GLY A 13 0.57 2.31 22.14
CA GLY A 13 -0.67 1.64 21.73
C GLY A 13 -0.45 0.60 20.66
N LYS A 14 0.79 0.43 20.17
CA LYS A 14 1.10 -0.67 19.22
C LYS A 14 1.30 -1.97 20.00
N ASN A 15 0.86 -3.07 19.38
CA ASN A 15 1.09 -4.45 19.86
C ASN A 15 2.60 -4.65 20.05
N PRO A 16 3.04 -5.11 21.25
CA PRO A 16 4.46 -5.39 21.51
C PRO A 16 5.18 -6.36 20.56
N LYS A 17 4.44 -7.14 19.77
CA LYS A 17 5.05 -8.19 18.91
C LYS A 17 5.41 -7.62 17.54
N LEU A 18 5.03 -6.38 17.20
CA LEU A 18 5.41 -5.80 15.88
C LEU A 18 6.92 -5.78 15.74
N LEU A 19 7.41 -6.07 14.54
CA LEU A 19 8.86 -6.15 14.25
C LEU A 19 9.38 -4.73 14.07
N VAL A 20 10.43 -4.38 14.81
CA VAL A 20 11.07 -3.04 14.69
C VAL A 20 12.11 -3.13 13.57
N LEU A 21 11.81 -2.58 12.38
CA LEU A 21 12.77 -2.57 11.26
C LEU A 21 13.68 -1.34 11.38
N SER A 22 13.21 -0.26 11.99
CA SER A 22 13.93 1.02 12.14
C SER A 22 13.34 1.81 13.31
N GLN A 23 14.19 2.42 14.15
CA GLN A 23 13.71 3.28 15.27
C GLN A 23 13.56 4.72 14.77
N ARG A 24 14.53 5.19 13.99
CA ARG A 24 14.63 6.58 13.49
C ARG A 24 15.06 6.52 12.04
N PRO A 25 14.13 6.68 11.06
CA PRO A 25 12.72 6.91 11.33
C PRO A 25 11.99 5.63 11.77
N ILE A 26 10.72 5.76 12.17
CA ILE A 26 9.92 4.62 12.72
C ILE A 26 9.45 3.73 11.58
N VAL A 27 9.79 2.45 11.64
CA VAL A 27 9.35 1.42 10.66
C VAL A 27 9.01 0.15 11.44
N LEU A 28 7.73 -0.24 11.48
CA LEU A 28 7.22 -1.43 12.21
C LEU A 28 6.54 -2.35 11.21
N GLU A 29 6.78 -3.65 11.33
CA GLU A 29 6.21 -4.68 10.43
C GLU A 29 5.27 -5.56 11.23
N THR A 30 4.12 -5.90 10.65
CA THR A 30 3.17 -6.84 11.27
C THR A 30 3.70 -8.26 11.08
N PRO A 31 3.90 -9.07 12.14
CA PRO A 31 4.19 -10.48 11.95
C PRO A 31 3.09 -11.12 11.10
N TYR A 32 3.46 -12.03 10.20
CA TYR A 32 2.47 -12.65 9.28
C TYR A 32 1.33 -13.32 10.07
N ASP A 33 1.62 -14.07 11.13
CA ASP A 33 0.59 -14.83 11.88
CA ASP A 33 0.57 -14.85 11.85
C ASP A 33 -0.43 -13.85 12.49
N LEU A 34 0.04 -12.67 12.89
CA LEU A 34 -0.83 -11.59 13.39
C LEU A 34 -1.63 -10.97 12.22
N LEU A 35 -0.99 -10.75 11.07
CA LEU A 35 -1.71 -10.13 9.91
C LEU A 35 -2.89 -11.04 9.53
N VAL A 36 -2.65 -12.35 9.43
CA VAL A 36 -3.68 -13.29 8.89
C VAL A 36 -4.81 -13.42 9.92
N SER A 37 -4.58 -13.08 11.18
CA SER A 37 -5.59 -13.17 12.26
C SER A 37 -6.70 -12.12 12.07
N GLN A 38 -6.50 -11.13 11.20
CA GLN A 38 -7.49 -10.05 10.97
C GLN A 38 -7.74 -9.98 9.47
N PRO A 39 -8.43 -10.99 8.91
CA PRO A 39 -8.59 -11.09 7.45
C PRO A 39 -9.62 -10.13 6.83
N GLU A 40 -10.39 -9.39 7.64
CA GLU A 40 -11.39 -8.42 7.13
C GLU A 40 -10.82 -7.00 7.20
N ARG A 41 -10.27 -6.61 8.35
CA ARG A 41 -9.77 -5.23 8.55
C ARG A 41 -8.62 -5.24 9.55
N THR A 42 -7.49 -4.63 9.17
CA THR A 42 -6.28 -4.56 10.03
C THR A 42 -6.48 -3.47 11.08
N PRO A 43 -6.52 -3.81 12.39
CA PRO A 43 -6.65 -2.79 13.42
C PRO A 43 -5.36 -1.98 13.66
N LYS A 44 -5.54 -0.77 14.18
CA LYS A 44 -4.44 0.19 14.46
C LYS A 44 -3.42 -0.43 15.42
N GLU A 45 -3.79 -1.40 16.25
CA GLU A 45 -2.84 -1.98 17.22
C GLU A 45 -1.74 -2.76 16.47
N ILE A 46 -2.03 -3.28 15.27
CA ILE A 46 -1.07 -4.16 14.55
C ILE A 46 -0.67 -3.54 13.19
N LEU A 47 -1.32 -2.48 12.71
CA LEU A 47 -1.07 -1.93 11.35
C LEU A 47 0.41 -1.50 11.25
N TYR A 48 1.09 -1.88 10.16
CA TYR A 48 2.51 -1.55 9.90
C TYR A 48 2.68 -0.02 9.89
N ILE A 49 3.90 0.43 10.21
CA ILE A 49 4.31 1.84 10.11
C ILE A 49 5.52 1.93 9.19
N ARG A 50 5.50 2.88 8.27
CA ARG A 50 6.72 3.32 7.56
C ARG A 50 6.71 4.84 7.50
N ASN A 51 7.51 5.47 8.34
CA ASN A 51 7.88 6.89 8.17
C ASN A 51 9.22 6.99 7.42
N ASN A 52 9.29 7.82 6.39
CA ASN A 52 10.58 8.37 5.88
C ASN A 52 10.99 9.52 6.80
N VAL A 53 10.01 10.32 7.24
CA VAL A 53 10.26 11.50 8.10
C VAL A 53 9.27 11.43 9.26
N ASP A 54 9.79 11.24 10.47
CA ASP A 54 9.00 11.28 11.73
C ASP A 54 8.54 12.72 11.96
N LEU A 55 7.26 12.94 12.26
CA LEU A 55 6.82 14.28 12.75
C LEU A 55 6.89 14.25 14.27
N PRO A 56 7.69 15.15 14.89
CA PRO A 56 7.86 15.13 16.35
C PRO A 56 6.54 15.18 17.14
N GLY A 57 6.36 14.21 18.04
CA GLY A 57 5.21 14.05 18.93
C GLY A 57 4.07 13.24 18.31
N TYR A 58 4.19 12.79 17.07
CA TYR A 58 3.08 12.08 16.36
C TYR A 58 3.24 10.56 16.46
N ASN A 59 4.02 10.06 17.43
CA ASN A 59 4.38 8.63 17.55
C ASN A 59 3.41 7.92 18.50
N THR A 60 2.11 8.02 18.26
CA THR A 60 1.05 7.35 19.08
C THR A 60 -0.07 6.88 18.15
N VAL A 61 -0.84 5.87 18.59
CA VAL A 61 -2.07 5.41 17.88
C VAL A 61 -3.23 6.33 18.26
N GLU A 62 -3.07 7.21 19.26
CA GLU A 62 -4.12 8.19 19.63
C GLU A 62 -4.32 9.18 18.47
N GLY A 63 -5.52 9.72 18.37
CA GLY A 63 -5.88 10.82 17.46
C GLY A 63 -5.10 12.08 17.79
N ALA A 64 -5.08 13.04 16.86
CA ALA A 64 -4.47 14.37 17.02
C ALA A 64 -5.55 15.42 16.81
N SER A 65 -5.35 16.59 17.39
CA SER A 65 -6.31 17.72 17.29
C SER A 65 -6.26 18.27 15.87
N LEU A 66 -7.42 18.63 15.31
CA LEU A 66 -7.54 19.39 14.03
C LEU A 66 -7.27 20.88 14.27
N ASP A 67 -7.30 21.33 15.53
CA ASP A 67 -7.29 22.77 15.90
C ASP A 67 -6.09 23.44 15.25
N GLY A 68 -6.33 24.50 14.46
CA GLY A 68 -5.24 25.31 13.88
C GLY A 68 -4.52 24.63 12.71
N TRP A 69 -4.93 23.42 12.29
CA TRP A 69 -4.24 22.70 11.18
C TRP A 69 -4.68 23.27 9.82
N LYS A 70 -3.87 24.13 9.21
CA LYS A 70 -4.20 24.83 7.95
C LYS A 70 -3.61 24.05 6.79
N VAL A 71 -4.39 23.91 5.72
CA VAL A 71 -3.94 23.23 4.48
C VAL A 71 -4.04 24.24 3.35
N GLU A 72 -2.95 24.36 2.58
CA GLU A 72 -2.87 25.24 1.39
C GLU A 72 -3.24 24.41 0.16
N VAL A 73 -4.09 24.94 -0.70
CA VAL A 73 -4.44 24.32 -2.00
C VAL A 73 -4.10 25.33 -3.09
N GLY A 74 -3.20 24.95 -4.01
CA GLY A 74 -2.65 25.92 -4.98
C GLY A 74 -2.12 25.29 -6.24
N GLY A 75 -1.29 26.04 -6.95
CA GLY A 75 -0.75 25.66 -8.26
C GLY A 75 -1.76 25.97 -9.34
N LEU A 76 -2.02 24.99 -10.21
CA LEU A 76 -2.82 25.20 -11.43
C LEU A 76 -4.30 25.05 -11.10
N VAL A 77 -4.81 25.95 -10.24
CA VAL A 77 -6.26 26.15 -9.95
C VAL A 77 -6.54 27.64 -10.16
N ASP A 78 -7.79 28.00 -10.45
CA ASP A 78 -8.17 29.40 -10.75
C ASP A 78 -8.05 30.23 -9.47
N LYS A 79 -8.45 29.68 -8.33
CA LYS A 79 -8.51 30.43 -7.05
C LYS A 79 -7.86 29.63 -5.94
N PRO A 80 -6.51 29.70 -5.80
CA PRO A 80 -5.82 29.07 -4.66
C PRO A 80 -6.41 29.54 -3.34
N PHE A 81 -6.37 28.68 -2.32
CA PHE A 81 -7.02 28.96 -1.02
C PHE A 81 -6.33 28.15 0.08
N THR A 82 -6.57 28.57 1.33
CA THR A 82 -6.13 27.86 2.54
C THR A 82 -7.40 27.51 3.32
N PHE A 83 -7.47 26.33 3.91
CA PHE A 83 -8.62 25.90 4.74
C PHE A 83 -8.07 25.35 6.05
N GLU A 84 -8.84 25.53 7.12
CA GLU A 84 -8.64 24.84 8.41
C GLU A 84 -9.23 23.44 8.28
N ALA A 85 -8.50 22.41 8.70
CA ALA A 85 -8.96 21.00 8.67
C ALA A 85 -10.36 20.91 9.29
N LYS A 86 -10.65 21.65 10.36
CA LYS A 86 -11.96 21.57 11.05
C LYS A 86 -13.12 21.89 10.11
N GLU A 87 -12.92 22.71 9.08
CA GLU A 87 -13.97 23.01 8.09
C GLU A 87 -14.53 21.71 7.49
N LEU A 88 -13.71 20.65 7.39
CA LEU A 88 -14.15 19.41 6.67
C LEU A 88 -15.28 18.76 7.45
N LEU A 89 -15.38 18.98 8.77
CA LEU A 89 -16.45 18.37 9.60
C LEU A 89 -17.83 18.73 9.06
N GLU A 90 -17.98 19.86 8.38
CA GLU A 90 -19.29 20.39 7.90
C GLU A 90 -19.59 19.90 6.49
N LEU A 91 -18.65 19.24 5.82
CA LEU A 91 -18.78 18.87 4.39
C LEU A 91 -19.23 17.41 4.29
N PRO A 92 -19.81 17.01 3.14
CA PRO A 92 -20.21 15.62 2.92
C PRO A 92 -19.00 14.71 3.11
N GLN A 93 -19.15 13.60 3.84
CA GLN A 93 -18.02 12.67 4.05
C GLN A 93 -18.28 11.35 3.32
N HIS A 94 -17.21 10.67 2.94
CA HIS A 94 -17.24 9.35 2.28
C HIS A 94 -16.19 8.48 2.96
N GLU A 95 -16.36 7.17 2.88
CA GLU A 95 -15.31 6.26 3.37
C GLU A 95 -14.97 5.23 2.30
N VAL A 96 -13.74 4.77 2.39
CA VAL A 96 -13.20 3.80 1.41
CA VAL A 96 -13.11 3.86 1.40
C VAL A 96 -12.36 2.78 2.18
N THR A 97 -12.63 1.53 1.89
CA THR A 97 -11.81 0.42 2.42
C THR A 97 -10.75 0.16 1.35
N MET A 98 -9.49 0.11 1.75
CA MET A 98 -8.40 0.06 0.77
C MET A 98 -7.21 -0.68 1.38
N VAL A 99 -6.47 -1.31 0.49
CA VAL A 99 -5.16 -1.93 0.83
C VAL A 99 -4.15 -0.80 0.98
N LEU A 100 -3.59 -0.66 2.17
CA LEU A 100 -2.45 0.27 2.40
C LEU A 100 -1.21 -0.62 2.40
N GLN A 101 -0.42 -0.56 1.34
CA GLN A 101 0.74 -1.44 1.18
C GLN A 101 1.98 -0.59 0.90
N CYS A 102 3.07 -0.87 1.60
CA CYS A 102 4.36 -0.18 1.33
C CYS A 102 4.86 -0.61 -0.06
N SER A 103 5.38 0.32 -0.86
CA SER A 103 6.09 0.01 -2.15
C SER A 103 7.08 -1.15 -1.93
N GLY A 104 7.72 -1.18 -0.76
CA GLY A 104 8.79 -2.14 -0.47
C GLY A 104 8.27 -3.44 0.11
N ASN A 105 6.97 -3.61 0.34
CA ASN A 105 6.50 -4.90 0.89
C ASN A 105 7.01 -6.03 -0.01
N GLY A 106 7.49 -7.14 0.58
CA GLY A 106 8.07 -8.26 -0.19
C GLY A 106 9.54 -8.06 -0.51
N ARG A 107 10.13 -6.93 -0.12
CA ARG A 107 11.53 -6.54 -0.48
C ARG A 107 12.48 -7.72 -0.25
N SER A 108 12.41 -8.36 0.92
CA SER A 108 13.36 -9.41 1.33
C SER A 108 13.27 -10.66 0.43
N LEU A 109 12.26 -10.76 -0.44
CA LEU A 109 12.12 -11.92 -1.35
C LEU A 109 12.97 -11.76 -2.61
N PHE A 110 13.44 -10.56 -2.93
CA PHE A 110 14.37 -10.31 -4.05
C PHE A 110 15.74 -10.86 -3.70
N GLN A 111 16.46 -11.33 -4.71
CA GLN A 111 17.82 -11.94 -4.57
C GLN A 111 18.66 -11.45 -5.73
N PRO A 112 19.84 -10.84 -5.50
CA PRO A 112 20.38 -10.62 -4.16
C PRO A 112 19.65 -9.54 -3.34
N ARG A 113 20.03 -9.43 -2.07
CA ARG A 113 19.41 -8.47 -1.13
C ARG A 113 19.48 -7.07 -1.73
N THR A 114 18.36 -6.35 -1.66
CA THR A 114 18.24 -4.95 -2.13
C THR A 114 18.48 -4.02 -0.95
N SER A 115 18.50 -2.72 -1.23
CA SER A 115 18.61 -1.67 -0.18
CA SER A 115 18.62 -1.69 -0.16
CA SER A 115 18.61 -1.65 -0.20
C SER A 115 17.22 -1.35 0.37
N GLY A 116 17.11 -1.17 1.69
CA GLY A 116 15.89 -0.66 2.32
C GLY A 116 15.34 -1.57 3.40
N ASN A 117 14.22 -1.14 3.98
CA ASN A 117 13.53 -1.83 5.09
C ASN A 117 13.27 -3.29 4.67
N PRO A 118 13.79 -4.31 5.37
CA PRO A 118 13.73 -5.69 4.88
C PRO A 118 12.38 -6.38 5.14
N TRP A 119 11.31 -5.80 4.59
CA TRP A 119 9.94 -6.37 4.68
C TRP A 119 9.94 -7.82 4.23
N LYS A 120 9.16 -8.66 4.92
CA LYS A 120 8.67 -9.95 4.40
C LYS A 120 7.35 -9.60 3.70
N ARG A 121 6.20 -9.93 4.27
CA ARG A 121 4.89 -9.53 3.68
C ARG A 121 4.04 -8.73 4.67
N GLY A 122 4.61 -8.26 5.79
CA GLY A 122 3.87 -7.56 6.87
C GLY A 122 3.82 -6.05 6.72
N GLY A 123 4.27 -5.50 5.57
CA GLY A 123 4.14 -4.07 5.24
C GLY A 123 2.86 -3.82 4.46
N VAL A 124 1.76 -4.38 4.94
CA VAL A 124 0.44 -4.23 4.27
C VAL A 124 -0.65 -4.26 5.35
N GLY A 125 -1.71 -3.52 5.11
CA GLY A 125 -2.95 -3.65 5.88
C GLY A 125 -4.15 -3.33 5.01
N ASN A 126 -5.31 -3.72 5.49
CA ASN A 126 -6.63 -3.43 4.85
C ASN A 126 -7.43 -2.59 5.82
N VAL A 127 -7.66 -1.31 5.50
CA VAL A 127 -8.22 -0.34 6.47
C VAL A 127 -9.31 0.47 5.78
N THR A 128 -10.17 1.07 6.59
CA THR A 128 -11.21 2.00 6.12
C THR A 128 -10.83 3.42 6.51
N PHE A 129 -10.66 4.31 5.51
CA PHE A 129 -10.46 5.75 5.76
C PHE A 129 -11.79 6.46 5.53
N ARG A 130 -12.05 7.48 6.34
CA ARG A 130 -13.25 8.33 6.20
C ARG A 130 -12.82 9.79 6.23
N GLY A 131 -13.41 10.59 5.36
CA GLY A 131 -13.21 12.03 5.35
C GLY A 131 -13.89 12.66 4.16
N VAL A 132 -13.28 13.71 3.63
CA VAL A 132 -13.89 14.52 2.54
C VAL A 132 -13.11 14.28 1.26
N ARG A 133 -13.78 13.89 0.19
CA ARG A 133 -13.12 13.76 -1.14
C ARG A 133 -12.52 15.13 -1.53
N LEU A 134 -11.27 15.12 -2.00
CA LEU A 134 -10.60 16.35 -2.48
C LEU A 134 -11.47 17.02 -3.55
N LYS A 135 -12.09 16.28 -4.48
CA LYS A 135 -12.92 16.91 -5.55
C LYS A 135 -14.14 17.61 -4.92
N ASP A 136 -14.69 17.08 -3.83
CA ASP A 136 -15.85 17.67 -3.10
C ASP A 136 -15.40 18.96 -2.41
N LEU A 137 -14.18 19.01 -1.88
CA LEU A 137 -13.66 20.26 -1.27
C LEU A 137 -13.50 21.32 -2.36
N LEU A 138 -12.94 20.96 -3.51
CA LEU A 138 -12.76 21.95 -4.62
C LEU A 138 -14.13 22.46 -5.05
N GLU A 139 -15.11 21.57 -5.16
CA GLU A 139 -16.50 21.94 -5.57
C GLU A 139 -17.09 22.90 -4.53
N ALA A 140 -16.98 22.59 -3.24
CA ALA A 140 -17.54 23.44 -2.16
C ALA A 140 -16.91 24.84 -2.22
N LYS A 141 -15.62 24.93 -2.55
CA LYS A 141 -14.85 26.20 -2.52
C LYS A 141 -15.03 26.97 -3.84
N GLY A 142 -15.70 26.37 -4.84
CA GLY A 142 -15.93 26.99 -6.15
C GLY A 142 -14.65 27.12 -6.95
N VAL A 143 -13.77 26.12 -6.86
CA VAL A 143 -12.41 26.17 -7.48
C VAL A 143 -12.42 25.20 -8.66
N LYS A 144 -11.83 25.60 -9.79
CA LYS A 144 -11.69 24.80 -11.04
C LYS A 144 -10.20 24.58 -11.32
N LEU A 145 -9.85 23.37 -11.74
CA LEU A 145 -8.48 22.98 -12.13
C LEU A 145 -8.15 23.59 -13.48
N GLY A 146 -6.91 24.05 -13.63
CA GLY A 146 -6.33 24.51 -14.89
C GLY A 146 -6.13 23.35 -15.85
N GLU A 147 -6.10 23.66 -17.15
CA GLU A 147 -5.97 22.66 -18.23
C GLU A 147 -4.62 21.94 -18.13
N LYS A 148 -3.58 22.59 -17.58
CA LYS A 148 -2.22 22.02 -17.54
C LYS A 148 -1.99 21.21 -16.25
N ALA A 149 -3.00 21.10 -15.38
CA ALA A 149 -2.86 20.32 -14.12
C ALA A 149 -2.76 18.83 -14.48
N LEU A 150 -1.57 18.24 -14.41
CA LEU A 150 -1.36 16.82 -14.79
C LEU A 150 -1.01 15.97 -13.57
N TYR A 151 -0.74 16.60 -12.42
CA TYR A 151 -0.34 15.90 -11.18
C TYR A 151 -1.00 16.57 -9.97
N ILE A 152 -1.22 15.78 -8.94
CA ILE A 152 -1.50 16.25 -7.57
C ILE A 152 -0.19 16.06 -6.81
N THR A 153 0.33 17.13 -6.27
CA THR A 153 1.64 17.13 -5.55
C THR A 153 1.36 17.50 -4.10
N ALA A 154 1.47 16.52 -3.23
CA ALA A 154 1.09 16.62 -1.82
C ALA A 154 2.37 16.76 -0.99
N HIS A 155 2.37 17.75 -0.11
CA HIS A 155 3.48 18.07 0.81
C HIS A 155 3.06 17.81 2.25
N ALA A 156 3.89 17.09 2.99
CA ALA A 156 3.70 16.92 4.44
C ALA A 156 4.06 18.20 5.21
N SER A 157 3.43 18.35 6.36
CA SER A 157 3.82 19.34 7.39
C SER A 157 5.33 19.26 7.61
N ARG A 158 5.95 20.42 7.85
CA ARG A 158 7.38 20.45 8.24
C ARG A 158 7.50 20.99 9.67
N GLN A 159 6.42 20.93 10.44
CA GLN A 159 6.41 21.43 11.85
C GLN A 159 7.46 20.65 12.66
N GLY A 160 8.04 21.31 13.66
CA GLY A 160 9.13 20.73 14.49
C GLY A 160 10.43 20.58 13.70
N ASN A 161 10.65 21.49 12.74
CA ASN A 161 11.88 21.57 11.92
C ASN A 161 12.10 20.25 11.14
N ALA A 162 11.02 19.60 10.69
CA ALA A 162 11.09 18.31 9.96
C ALA A 162 11.52 18.56 8.51
N PRO A 163 12.28 17.61 7.93
CA PRO A 163 12.53 17.59 6.49
C PRO A 163 11.23 17.46 5.71
N GLU A 164 11.27 17.77 4.42
CA GLU A 164 10.08 17.75 3.55
C GLU A 164 9.72 16.31 3.20
N PHE A 165 8.49 16.12 2.79
CA PHE A 165 8.02 14.85 2.18
C PHE A 165 6.97 15.22 1.15
N VAL A 166 7.34 15.04 -0.11
CA VAL A 166 6.57 15.56 -1.28
C VAL A 166 6.37 14.43 -2.29
N ARG A 167 5.12 14.13 -2.62
CA ARG A 167 4.79 13.06 -3.58
C ARG A 167 3.84 13.61 -4.65
N SER A 168 4.11 13.26 -5.89
CA SER A 168 3.25 13.55 -7.06
C SER A 168 2.57 12.26 -7.52
N VAL A 169 1.26 12.35 -7.73
CA VAL A 169 0.45 11.29 -8.38
C VAL A 169 -0.22 11.89 -9.61
N PRO A 170 -0.66 11.04 -10.56
CA PRO A 170 -1.34 11.54 -11.75
C PRO A 170 -2.66 12.24 -11.39
N ILE A 171 -3.05 13.21 -12.21
CA ILE A 171 -4.29 14.01 -11.95
C ILE A 171 -5.51 13.08 -12.01
N HIS A 172 -5.39 11.94 -12.68
CA HIS A 172 -6.49 10.93 -12.71
C HIS A 172 -6.85 10.49 -11.29
N ALA A 173 -5.92 10.54 -10.33
CA ALA A 173 -6.18 10.18 -8.91
C ALA A 173 -7.17 11.16 -8.25
N LEU A 174 -7.49 12.30 -8.86
CA LEU A 174 -8.47 13.24 -8.26
C LEU A 174 -9.83 12.55 -8.08
N GLY A 175 -10.18 11.57 -8.92
CA GLY A 175 -11.49 10.90 -8.86
C GLY A 175 -11.79 10.32 -7.49
N HIS A 176 -10.80 9.74 -6.80
CA HIS A 176 -11.02 9.07 -5.50
C HIS A 176 -10.22 9.69 -4.35
N ALA A 177 -9.39 10.69 -4.61
CA ALA A 177 -8.51 11.28 -3.56
C ALA A 177 -9.36 11.71 -2.36
N LEU A 178 -8.88 11.38 -1.17
CA LEU A 178 -9.65 11.53 0.07
C LEU A 178 -8.78 12.21 1.13
N LEU A 179 -9.33 13.27 1.72
CA LEU A 179 -8.77 13.90 2.93
C LEU A 179 -9.32 13.10 4.11
N ALA A 180 -8.53 12.16 4.59
CA ALA A 180 -8.88 11.20 5.65
C ALA A 180 -8.74 11.86 7.02
N LEU A 181 -9.82 11.82 7.80
CA LEU A 181 -9.87 12.30 9.21
C LEU A 181 -9.99 11.11 10.18
N SER A 182 -10.46 9.95 9.71
CA SER A 182 -10.73 8.75 10.53
C SER A 182 -10.18 7.52 9.86
N MET A 183 -9.84 6.51 10.68
CA MET A 183 -9.41 5.20 10.17
C MET A 183 -10.14 4.13 10.99
N ASN A 184 -10.82 3.21 10.33
CA ASN A 184 -11.53 2.08 10.99
C ASN A 184 -12.54 2.64 12.01
N GLY A 185 -13.14 3.79 11.71
CA GLY A 185 -14.24 4.40 12.47
C GLY A 185 -13.76 5.21 13.67
N GLU A 186 -12.45 5.37 13.83
CA GLU A 186 -11.83 6.09 14.97
C GLU A 186 -11.05 7.29 14.43
N PRO A 187 -10.73 8.30 15.29
CA PRO A 187 -9.84 9.37 14.87
C PRO A 187 -8.56 8.78 14.26
N LEU A 188 -8.14 9.32 13.11
CA LEU A 188 -6.96 8.83 12.39
C LEU A 188 -5.79 8.84 13.36
N PRO A 189 -5.14 7.69 13.64
CA PRO A 189 -3.98 7.71 14.55
C PRO A 189 -2.93 8.75 14.11
N ALA A 190 -2.40 9.52 15.07
CA ALA A 190 -1.29 10.48 14.83
C ALA A 190 -0.17 9.80 14.03
N VAL A 191 0.22 8.59 14.40
CA VAL A 191 1.35 7.86 13.75
C VAL A 191 0.96 7.42 12.32
N HIS A 192 -0.33 7.36 12.01
CA HIS A 192 -0.86 7.01 10.67
C HIS A 192 -1.26 8.28 9.92
N GLY A 193 -0.85 9.45 10.42
CA GLY A 193 -0.97 10.75 9.71
C GLY A 193 -2.05 11.65 10.25
N GLY A 194 -2.67 11.30 11.38
CA GLY A 194 -3.59 12.20 12.09
C GLY A 194 -2.92 13.53 12.38
N PRO A 195 -3.62 14.68 12.27
CA PRO A 195 -5.08 14.71 12.14
C PRO A 195 -5.66 14.64 10.71
N ILE A 196 -4.81 14.63 9.69
CA ILE A 196 -5.31 14.67 8.28
C ILE A 196 -4.25 14.10 7.34
N ARG A 197 -4.67 13.16 6.51
CA ARG A 197 -3.84 12.43 5.55
C ARG A 197 -4.53 12.46 4.19
N LEU A 198 -3.78 12.75 3.13
CA LEU A 198 -4.37 12.70 1.79
C LEU A 198 -4.14 11.29 1.26
N VAL A 199 -5.22 10.54 1.04
CA VAL A 199 -5.13 9.14 0.59
C VAL A 199 -5.63 9.04 -0.85
N PHE A 200 -4.93 8.21 -1.61
CA PHE A 200 -5.22 7.89 -3.03
C PHE A 200 -5.51 6.41 -3.12
N PRO A 201 -6.79 6.00 -3.03
CA PRO A 201 -7.13 4.57 -3.05
C PRO A 201 -6.53 3.87 -4.27
N GLY A 202 -5.89 2.72 -4.03
CA GLY A 202 -5.28 1.90 -5.08
C GLY A 202 -3.85 2.33 -5.43
N TYR A 203 -3.29 3.30 -4.71
CA TYR A 203 -1.87 3.73 -4.87
C TYR A 203 -1.04 3.23 -3.71
N PHE A 204 0.22 2.89 -3.98
CA PHE A 204 1.16 2.44 -2.93
C PHE A 204 1.25 3.47 -1.80
N GLY A 205 1.56 2.96 -0.60
CA GLY A 205 1.57 3.69 0.68
C GLY A 205 2.34 4.99 0.62
N VAL A 206 3.50 4.99 -0.02
CA VAL A 206 4.39 6.19 -0.13
C VAL A 206 3.58 7.41 -0.57
N ASN A 207 2.60 7.25 -1.46
CA ASN A 207 1.80 8.37 -2.03
C ASN A 207 0.78 8.94 -1.05
N ASN A 208 0.41 8.20 -0.01
CA ASN A 208 -0.66 8.57 0.94
C ASN A 208 -0.01 9.45 2.02
N VAL A 209 0.05 10.75 1.76
CA VAL A 209 0.91 11.70 2.54
C VAL A 209 0.26 12.00 3.88
N LYS A 210 0.91 11.55 4.96
CA LYS A 210 0.52 11.82 6.35
C LYS A 210 0.71 13.29 6.66
N TRP A 211 -0.10 13.86 7.54
CA TRP A 211 0.09 15.25 8.05
C TRP A 211 0.09 16.23 6.87
N VAL A 212 -0.83 16.07 5.92
CA VAL A 212 -0.78 16.86 4.67
C VAL A 212 -0.95 18.34 5.00
N GLN A 213 -0.08 19.18 4.44
CA GLN A 213 -0.15 20.65 4.64
C GLN A 213 -0.33 21.40 3.32
N LYS A 214 0.18 20.89 2.19
CA LYS A 214 -0.03 21.58 0.90
C LYS A 214 -0.48 20.57 -0.14
N ILE A 215 -1.41 20.99 -0.97
CA ILE A 215 -1.93 20.20 -2.11
C ILE A 215 -1.81 21.10 -3.34
N GLU A 216 -0.90 20.79 -4.23
CA GLU A 216 -0.52 21.65 -5.37
C GLU A 216 -0.78 20.88 -6.65
N PHE A 217 -1.52 21.50 -7.56
CA PHE A 217 -1.80 20.94 -8.90
C PHE A 217 -0.66 21.42 -9.80
N THR A 218 0.11 20.48 -10.33
CA THR A 218 1.38 20.78 -11.04
C THR A 218 1.37 20.18 -12.43
N GLU A 219 2.15 20.79 -13.32
CA GLU A 219 2.28 20.31 -14.71
C GLU A 219 3.21 19.12 -14.77
N ALA A 220 4.11 18.96 -13.80
CA ALA A 220 5.16 17.92 -13.83
C ALA A 220 5.25 17.23 -12.47
N GLU A 221 5.85 16.04 -12.46
CA GLU A 221 6.27 15.37 -11.21
C GLU A 221 7.19 16.32 -10.44
N ASN A 222 7.09 16.35 -9.11
CA ASN A 222 8.03 17.13 -8.28
C ASN A 222 9.44 16.53 -8.46
N THR A 223 10.47 17.35 -8.22
CA THR A 223 11.89 16.97 -8.43
C THR A 223 12.58 16.68 -7.10
N THR A 224 11.85 16.35 -6.02
CA THR A 224 12.51 15.97 -4.75
C THR A 224 13.08 14.55 -4.86
N ALA A 225 14.02 14.24 -3.97
CA ALA A 225 14.68 12.93 -3.85
C ALA A 225 13.63 11.82 -3.65
N GLU A 226 12.53 12.12 -2.93
CA GLU A 226 11.48 11.13 -2.59
CA GLU A 226 11.45 11.17 -2.60
C GLU A 226 10.65 10.80 -3.85
N GLN A 227 10.81 11.57 -4.94
CA GLN A 227 10.08 11.35 -6.22
C GLN A 227 11.04 10.78 -7.28
N MET A 228 12.31 11.17 -7.27
CA MET A 228 13.27 10.77 -8.33
C MET A 228 14.65 10.99 -7.70
N PRO A 229 15.48 9.95 -7.48
CA PRO A 229 15.33 8.60 -8.05
C PRO A 229 14.61 7.53 -7.21
N ARG A 230 14.28 7.85 -5.97
CA ARG A 230 13.65 6.88 -5.03
C ARG A 230 12.22 6.61 -5.48
N TYR A 231 11.69 5.46 -5.04
CA TYR A 231 10.26 5.07 -5.28
C TYR A 231 9.97 5.03 -6.77
N ARG A 232 10.93 4.49 -7.53
CA ARG A 232 10.77 4.25 -8.98
C ARG A 232 11.30 2.87 -9.36
N VAL A 233 10.78 2.32 -10.44
CA VAL A 233 11.28 1.07 -11.03
C VAL A 233 11.56 1.32 -12.50
N PRO A 234 12.52 0.59 -13.10
CA PRO A 234 12.81 0.74 -14.53
C PRO A 234 11.56 0.50 -15.38
N ALA A 235 11.40 1.29 -16.45
CA ALA A 235 10.22 1.20 -17.31
C ALA A 235 10.53 1.77 -18.68
N ILE A 236 9.67 1.46 -19.64
CA ILE A 236 9.57 2.19 -20.92
C ILE A 236 8.37 3.12 -20.78
N PRO A 237 8.57 4.44 -20.61
CA PRO A 237 7.46 5.32 -20.28
C PRO A 237 6.33 5.21 -21.32
N ASN A 238 5.12 5.06 -20.80
CA ASN A 238 3.84 5.04 -21.56
C ASN A 238 3.80 3.84 -22.51
N ALA A 239 4.55 2.77 -22.22
CA ALA A 239 4.51 1.50 -22.97
C ALA A 239 3.86 0.45 -22.06
N ASN A 240 3.17 -0.51 -22.66
CA ASN A 240 2.39 -1.53 -21.93
C ASN A 240 3.29 -2.71 -21.49
N ILE A 241 4.12 -2.46 -20.50
CA ILE A 241 4.87 -3.51 -19.74
C ILE A 241 4.98 -3.00 -18.32
N PRO A 242 4.67 -3.83 -17.30
CA PRO A 242 4.64 -3.37 -15.91
C PRO A 242 5.97 -2.76 -15.42
N PHE A 243 7.08 -3.26 -15.93
CA PHE A 243 8.43 -2.73 -15.67
C PHE A 243 9.35 -3.27 -16.75
N LEU A 244 10.52 -2.65 -16.90
CA LEU A 244 11.54 -3.13 -17.86
C LEU A 244 12.52 -4.01 -17.09
N PRO A 245 12.50 -5.35 -17.26
CA PRO A 245 13.39 -6.21 -16.48
C PRO A 245 14.87 -5.85 -16.66
N GLN A 246 15.59 -5.94 -15.56
CA GLN A 246 17.03 -5.62 -15.45
C GLN A 246 17.77 -6.81 -14.84
N GLU A 247 19.08 -6.84 -15.03
CA GLU A 247 19.94 -7.87 -14.43
C GLU A 247 19.91 -7.73 -12.92
N PRO A 248 19.55 -8.78 -12.16
CA PRO A 248 19.61 -8.71 -10.71
C PRO A 248 21.02 -8.35 -10.24
N GLY A 249 21.07 -7.45 -9.26
CA GLY A 249 22.30 -6.98 -8.60
C GLY A 249 22.96 -5.81 -9.29
N LYS A 250 22.45 -5.31 -10.41
CA LYS A 250 23.10 -4.20 -11.15
C LYS A 250 22.45 -2.87 -10.78
N THR A 251 23.27 -1.84 -10.63
CA THR A 251 22.79 -0.46 -10.33
C THR A 251 22.23 0.13 -11.62
N TYR A 252 21.10 0.83 -11.54
CA TYR A 252 20.36 1.37 -12.71
C TYR A 252 20.40 2.89 -12.68
N PRO A 253 20.69 3.58 -13.82
CA PRO A 253 20.79 5.04 -13.81
C PRO A 253 19.40 5.71 -13.93
N TYR A 254 18.66 5.73 -12.82
CA TYR A 254 17.26 6.22 -12.76
C TYR A 254 17.22 7.66 -13.25
N SER A 255 16.27 7.94 -14.14
CA SER A 255 15.88 9.30 -14.53
C SER A 255 14.35 9.36 -14.67
N PHE A 256 13.80 10.55 -14.89
CA PHE A 256 12.36 10.69 -15.20
C PHE A 256 11.99 9.92 -16.47
N THR A 257 12.94 9.67 -17.37
CA THR A 257 12.61 9.21 -18.74
C THR A 257 12.91 7.72 -18.92
N ASN A 258 13.39 6.99 -17.91
CA ASN A 258 13.65 5.53 -18.04
C ASN A 258 13.12 4.76 -16.83
N SER A 259 12.19 5.34 -16.08
CA SER A 259 11.67 4.71 -14.85
C SER A 259 10.32 5.33 -14.51
N ARG A 260 9.49 4.59 -13.79
CA ARG A 260 8.14 5.07 -13.43
C ARG A 260 8.03 5.06 -11.92
N PRO A 261 7.19 5.93 -11.34
CA PRO A 261 6.99 5.95 -9.89
C PRO A 261 6.22 4.72 -9.39
N ASN A 262 6.39 4.44 -8.11
CA ASN A 262 5.48 3.52 -7.38
C ASN A 262 4.14 4.23 -7.22
N TRP A 263 3.18 3.87 -8.07
CA TRP A 263 1.84 4.47 -8.10
C TRP A 263 0.80 3.36 -7.89
N LEU A 264 0.26 2.79 -8.96
CA LEU A 264 -0.85 1.81 -8.81
C LEU A 264 -0.33 0.55 -8.10
N VAL A 265 -1.09 0.11 -7.09
CA VAL A 265 -0.76 -1.13 -6.34
C VAL A 265 -0.69 -2.30 -7.33
N ALA A 266 0.38 -3.07 -7.26
CA ALA A 266 0.60 -4.24 -8.13
C ALA A 266 -0.38 -5.36 -7.73
N ILE A 267 -0.96 -6.01 -8.72
CA ILE A 267 -1.91 -7.13 -8.50
C ILE A 267 -1.21 -8.20 -7.64
N ASN A 268 -1.92 -8.79 -6.70
CA ASN A 268 -1.26 -9.70 -5.73
C ASN A 268 -2.27 -10.64 -5.10
N SER A 269 -1.77 -11.72 -4.52
CA SER A 269 -2.57 -12.65 -3.70
C SER A 269 -1.66 -13.22 -2.61
N PHE A 270 -2.19 -13.29 -1.40
CA PHE A 270 -1.45 -13.85 -0.25
C PHE A 270 -2.21 -15.09 0.23
N ILE A 271 -1.47 -16.14 0.53
CA ILE A 271 -2.05 -17.37 1.14
C ILE A 271 -1.97 -17.23 2.65
N PHE A 272 -3.13 -17.27 3.30
CA PHE A 272 -3.31 -17.05 4.77
C PHE A 272 -3.38 -18.41 5.48
N ALA A 273 -3.85 -19.46 4.79
CA ALA A 273 -3.97 -20.83 5.34
C ALA A 273 -3.85 -21.84 4.21
N PRO A 274 -3.09 -22.95 4.35
CA PRO A 274 -2.21 -23.18 5.50
C PRO A 274 -1.05 -22.20 5.60
N LEU A 275 -0.35 -22.20 6.75
CA LEU A 275 0.91 -21.46 6.97
C LEU A 275 2.11 -22.35 6.60
N GLU A 276 3.25 -21.74 6.31
CA GLU A 276 4.50 -22.43 5.90
C GLU A 276 4.85 -23.48 6.96
N GLY A 277 5.06 -24.72 6.54
CA GLY A 277 5.57 -25.81 7.40
C GLY A 277 4.52 -26.41 8.33
N GLN A 278 3.25 -25.99 8.21
CA GLN A 278 2.11 -26.48 9.04
C GLN A 278 1.74 -27.91 8.62
N THR A 279 1.31 -28.74 9.59
CA THR A 279 0.62 -30.03 9.31
C THR A 279 -0.88 -29.78 9.43
N VAL A 280 -1.67 -30.20 8.45
CA VAL A 280 -3.16 -30.05 8.40
C VAL A 280 -3.76 -31.43 8.09
N GLU A 281 -5.03 -31.64 8.40
CA GLU A 281 -5.65 -33.00 8.56
C GLU A 281 -6.43 -33.40 7.29
N GLY A 282 -6.99 -34.63 7.31
CA GLY A 282 -7.96 -35.17 6.34
C GLY A 282 -7.49 -34.96 4.90
N PRO A 283 -8.27 -35.41 3.89
CA PRO A 283 -7.91 -35.23 2.49
C PRO A 283 -8.32 -33.89 1.84
N TYR A 284 -9.32 -33.21 2.38
CA TYR A 284 -9.86 -31.95 1.80
C TYR A 284 -9.21 -30.78 2.55
N VAL A 285 -8.32 -30.05 1.87
CA VAL A 285 -7.54 -28.95 2.49
C VAL A 285 -8.13 -27.63 1.98
N ARG A 286 -8.57 -26.78 2.90
CA ARG A 286 -9.19 -25.50 2.51
C ARG A 286 -8.08 -24.46 2.51
N VAL A 287 -7.67 -24.03 1.32
CA VAL A 287 -6.63 -22.98 1.16
C VAL A 287 -7.36 -21.64 1.22
N GLU A 288 -6.90 -20.72 2.05
CA GLU A 288 -7.55 -19.40 2.20
C GLU A 288 -6.52 -18.30 1.96
N GLY A 289 -6.98 -17.16 1.48
CA GLY A 289 -6.09 -16.00 1.42
C GLY A 289 -6.85 -14.74 1.08
N VAL A 290 -6.09 -13.72 0.67
CA VAL A 290 -6.65 -12.44 0.19
C VAL A 290 -6.02 -12.13 -1.16
N ALA A 291 -6.72 -11.34 -1.95
CA ALA A 291 -6.20 -10.87 -3.26
C ALA A 291 -6.63 -9.42 -3.45
N PHE A 292 -5.89 -8.69 -4.28
CA PHE A 292 -6.22 -7.27 -4.54
C PHE A 292 -5.50 -6.81 -5.79
N ASN A 293 -6.01 -5.72 -6.33
CA ASN A 293 -5.32 -4.94 -7.38
C ASN A 293 -5.45 -3.47 -6.99
N ASP A 294 -5.37 -2.58 -7.95
CA ASP A 294 -5.43 -1.12 -7.70
C ASP A 294 -6.88 -0.64 -7.67
N GLY A 295 -7.86 -1.55 -7.72
CA GLY A 295 -9.27 -1.16 -7.61
C GLY A 295 -9.83 -0.50 -8.87
N ILE A 296 -9.09 -0.40 -9.96
CA ILE A 296 -9.62 0.26 -11.19
C ILE A 296 -10.63 -0.68 -11.86
N VAL A 297 -10.39 -1.98 -11.80
CA VAL A 297 -11.29 -3.00 -12.42
C VAL A 297 -11.44 -4.13 -11.42
N PRO A 298 -12.51 -4.93 -11.56
CA PRO A 298 -12.66 -6.13 -10.74
C PRO A 298 -11.58 -7.19 -11.01
N LEU A 299 -11.32 -8.04 -10.01
CA LEU A 299 -10.63 -9.33 -10.25
C LEU A 299 -11.57 -10.22 -11.07
N VAL A 300 -11.00 -11.08 -11.89
CA VAL A 300 -11.77 -12.12 -12.63
C VAL A 300 -11.62 -13.44 -11.87
N SER A 301 -10.42 -13.75 -11.39
CA SER A 301 -10.21 -15.01 -10.64
C SER A 301 -9.06 -14.87 -9.67
N VAL A 302 -9.10 -15.68 -8.62
CA VAL A 302 -7.89 -16.13 -7.89
C VAL A 302 -7.82 -17.63 -8.12
N GLU A 303 -6.64 -18.14 -8.48
CA GLU A 303 -6.48 -19.56 -8.87
C GLU A 303 -5.35 -20.13 -8.04
N VAL A 304 -5.44 -21.41 -7.72
CA VAL A 304 -4.42 -22.11 -6.91
C VAL A 304 -3.97 -23.33 -7.71
N SER A 305 -2.71 -23.68 -7.53
CA SER A 305 -2.10 -24.89 -8.13
C SER A 305 -1.38 -25.63 -7.01
N ALA A 306 -1.56 -26.96 -6.97
CA ALA A 306 -0.84 -27.85 -6.05
C ALA A 306 0.08 -28.77 -6.84
N ASN A 307 0.23 -28.56 -8.15
CA ASN A 307 1.05 -29.43 -9.03
C ASN A 307 2.02 -28.58 -9.87
N GLY A 308 2.55 -27.51 -9.27
CA GLY A 308 3.59 -26.64 -9.87
C GLY A 308 3.11 -25.92 -11.13
N GLY A 309 1.81 -25.65 -11.25
CA GLY A 309 1.25 -24.84 -12.35
C GLY A 309 0.78 -25.68 -13.54
N ARG A 310 0.86 -27.00 -13.48
CA ARG A 310 0.34 -27.88 -14.56
C ARG A 310 -1.18 -27.65 -14.67
N THR A 311 -1.87 -27.48 -13.54
CA THR A 311 -3.31 -27.12 -13.52
C THR A 311 -3.53 -26.03 -12.47
N TRP A 312 -4.37 -25.06 -12.82
CA TRP A 312 -4.85 -23.98 -11.91
C TRP A 312 -6.35 -24.16 -11.70
N GLN A 313 -6.79 -24.07 -10.44
CA GLN A 313 -8.20 -24.25 -10.01
C GLN A 313 -8.72 -22.90 -9.53
N GLN A 314 -9.89 -22.48 -10.04
CA GLN A 314 -10.54 -21.21 -9.63
C GLN A 314 -10.94 -21.33 -8.15
N ALA A 315 -10.56 -20.34 -7.32
CA ALA A 315 -11.02 -20.21 -5.93
C ALA A 315 -12.38 -19.50 -5.94
N ARG A 316 -13.08 -19.57 -4.81
CA ARG A 316 -14.33 -18.81 -4.56
C ARG A 316 -13.95 -17.47 -3.90
N LEU A 317 -14.43 -16.36 -4.44
CA LEU A 317 -14.17 -15.00 -3.89
C LEU A 317 -15.33 -14.61 -2.99
N GLU A 318 -15.01 -13.92 -1.90
CA GLU A 318 -15.95 -13.34 -0.91
C GLU A 318 -16.92 -12.38 -1.61
N ARG A 319 -16.47 -11.66 -2.64
CA ARG A 319 -17.29 -10.67 -3.35
C ARG A 319 -16.78 -10.58 -4.78
N GLN A 320 -17.62 -10.15 -5.71
CA GLN A 320 -17.29 -10.11 -7.15
C GLN A 320 -16.97 -8.66 -7.58
N GLU A 321 -17.54 -7.65 -6.92
CA GLU A 321 -17.44 -6.24 -7.37
C GLU A 321 -16.01 -5.75 -7.09
N LYS A 322 -15.53 -4.81 -7.90
CA LYS A 322 -14.19 -4.21 -7.72
C LYS A 322 -14.14 -3.49 -6.38
N SER A 323 -12.94 -3.36 -5.83
CA SER A 323 -12.73 -2.71 -4.53
C SER A 323 -11.29 -2.29 -4.46
N PHE A 324 -11.01 -1.22 -3.70
CA PHE A 324 -9.63 -0.83 -3.35
C PHE A 324 -9.14 -1.75 -2.23
N GLY A 325 -10.10 -2.37 -1.52
CA GLY A 325 -9.79 -3.29 -0.41
C GLY A 325 -9.52 -4.68 -0.90
N TRP A 326 -8.92 -5.51 -0.05
CA TRP A 326 -8.64 -6.89 -0.45
C TRP A 326 -9.93 -7.71 -0.43
N VAL A 327 -9.89 -8.82 -1.15
CA VAL A 327 -11.03 -9.76 -1.20
C VAL A 327 -10.52 -11.10 -0.70
N ARG A 328 -11.26 -11.69 0.24
CA ARG A 328 -10.91 -13.04 0.73
C ARG A 328 -11.32 -14.06 -0.32
N TRP A 329 -10.57 -15.14 -0.34
CA TRP A 329 -10.80 -16.28 -1.28
C TRP A 329 -10.50 -17.60 -0.55
N GLN A 330 -11.07 -18.67 -1.09
CA GLN A 330 -10.85 -20.05 -0.58
C GLN A 330 -10.94 -21.01 -1.75
N ALA A 331 -10.05 -22.00 -1.76
CA ALA A 331 -10.09 -23.16 -2.68
C ALA A 331 -9.89 -24.40 -1.82
N THR A 332 -10.82 -25.34 -1.93
CA THR A 332 -10.75 -26.62 -1.19
C THR A 332 -10.17 -27.65 -2.16
N LEU A 333 -9.02 -28.20 -1.80
CA LEU A 333 -8.25 -29.14 -2.65
C LEU A 333 -8.28 -30.53 -2.02
N TYR A 334 -8.48 -31.58 -2.83
CA TYR A 334 -8.26 -33.00 -2.44
C TYR A 334 -6.78 -33.30 -2.53
N LEU A 335 -6.10 -33.52 -1.40
CA LEU A 335 -4.64 -33.80 -1.39
C LEU A 335 -4.37 -35.10 -0.61
N ARG A 336 -3.54 -35.98 -1.16
CA ARG A 336 -3.13 -37.25 -0.50
C ARG A 336 -2.13 -36.90 0.60
N PRO A 337 -1.96 -37.76 1.63
CA PRO A 337 -1.08 -37.44 2.76
C PRO A 337 0.35 -37.21 2.26
N GLY A 338 1.14 -36.39 2.97
CA GLY A 338 2.54 -36.10 2.63
C GLY A 338 2.80 -34.61 2.37
N GLU A 339 4.00 -34.29 1.91
CA GLU A 339 4.46 -32.90 1.61
C GLU A 339 3.67 -32.36 0.41
N HIS A 340 3.24 -31.11 0.49
CA HIS A 340 2.60 -30.42 -0.66
C HIS A 340 3.09 -28.98 -0.73
N GLU A 341 2.91 -28.38 -1.91
CA GLU A 341 3.16 -26.94 -2.12
C GLU A 341 1.96 -26.39 -2.90
N VAL A 342 1.38 -25.30 -2.41
CA VAL A 342 0.27 -24.60 -3.11
CA VAL A 342 0.28 -24.62 -3.14
C VAL A 342 0.74 -23.19 -3.47
N MET A 343 0.39 -22.76 -4.67
CA MET A 343 0.70 -21.43 -5.24
C MET A 343 -0.64 -20.73 -5.48
N ALA A 344 -0.68 -19.40 -5.36
CA ALA A 344 -1.90 -18.63 -5.67
C ALA A 344 -1.57 -17.54 -6.68
N ARG A 345 -2.47 -17.29 -7.62
CA ARG A 345 -2.29 -16.18 -8.59
C ARG A 345 -3.63 -15.47 -8.79
N ALA A 346 -3.59 -14.13 -8.83
CA ALA A 346 -4.75 -13.29 -9.12
C ALA A 346 -4.73 -12.90 -10.60
N TRP A 347 -5.91 -12.69 -11.17
CA TRP A 347 -6.09 -12.34 -12.60
C TRP A 347 -7.23 -11.34 -12.65
N ASP A 348 -7.04 -10.14 -13.22
CA ASP A 348 -8.09 -9.11 -13.19
C ASP A 348 -8.66 -8.89 -14.59
N ALA A 349 -9.65 -8.03 -14.67
CA ALA A 349 -10.51 -7.88 -15.87
C ALA A 349 -9.73 -7.29 -17.04
N VAL A 350 -8.60 -6.59 -16.80
CA VAL A 350 -7.78 -6.07 -17.95
C VAL A 350 -6.65 -7.05 -18.28
N GLY A 351 -6.62 -8.20 -17.62
CA GLY A 351 -5.65 -9.24 -17.98
C GLY A 351 -4.41 -9.21 -17.11
N ARG A 352 -4.34 -8.32 -16.12
CA ARG A 352 -3.14 -8.27 -15.25
C ARG A 352 -3.07 -9.56 -14.44
N SER A 353 -1.86 -10.04 -14.23
CA SER A 353 -1.60 -11.18 -13.32
C SER A 353 -0.23 -10.99 -12.70
N GLN A 354 0.22 -12.01 -12.00
CA GLN A 354 1.46 -11.99 -11.20
C GLN A 354 2.52 -12.78 -11.93
N PRO A 355 3.81 -12.39 -11.80
CA PRO A 355 4.88 -13.17 -12.39
C PRO A 355 5.06 -14.46 -11.57
N LEU A 356 5.33 -15.58 -12.24
CA LEU A 356 5.58 -16.87 -11.53
C LEU A 356 6.85 -16.73 -10.69
N ASP A 357 7.87 -16.04 -11.22
CA ASP A 357 9.14 -15.77 -10.48
C ASP A 357 9.21 -14.28 -10.18
N GLY A 358 8.87 -13.88 -8.96
CA GLY A 358 8.88 -12.47 -8.57
C GLY A 358 10.24 -11.81 -8.76
N ASN A 359 11.33 -12.59 -8.82
CA ASN A 359 12.68 -11.98 -8.89
C ASN A 359 12.90 -11.32 -10.26
N ILE A 360 12.06 -11.62 -11.27
CA ILE A 360 12.25 -10.98 -12.61
C ILE A 360 12.17 -9.45 -12.43
N ALA A 361 11.46 -8.97 -11.40
CA ALA A 361 11.26 -7.53 -11.13
C ALA A 361 12.41 -6.95 -10.32
N TRP A 362 13.52 -7.68 -10.16
CA TRP A 362 14.64 -7.21 -9.29
C TRP A 362 14.97 -5.76 -9.59
N ASN A 363 14.99 -4.94 -8.56
CA ASN A 363 15.35 -3.50 -8.65
C ASN A 363 16.08 -3.14 -7.36
N GLU A 364 17.02 -2.21 -7.42
CA GLU A 364 18.06 -2.08 -6.39
C GLU A 364 17.47 -1.63 -5.05
N ARG A 365 16.33 -0.93 -5.05
CA ARG A 365 15.62 -0.50 -3.82
C ARG A 365 14.47 -1.46 -3.49
N GLY A 366 14.27 -2.53 -4.26
CA GLY A 366 13.39 -3.67 -3.93
C GLY A 366 11.91 -3.28 -3.81
N TYR A 367 11.37 -2.63 -4.84
CA TYR A 367 9.96 -2.21 -4.84
C TYR A 367 9.07 -3.14 -5.68
N GLU A 368 7.80 -3.20 -5.29
CA GLU A 368 6.65 -3.75 -6.06
C GLU A 368 6.79 -5.26 -6.25
N TYR A 369 7.40 -5.98 -5.32
CA TYR A 369 7.39 -7.46 -5.38
C TYR A 369 5.95 -7.96 -5.44
N ASN A 370 5.63 -8.82 -6.40
CA ASN A 370 4.28 -9.44 -6.44
C ASN A 370 4.36 -10.85 -7.02
N GLY A 371 5.50 -11.52 -6.88
CA GLY A 371 5.65 -12.92 -7.32
C GLY A 371 4.59 -13.84 -6.74
N VAL A 372 4.21 -14.84 -7.51
CA VAL A 372 3.28 -15.92 -7.06
C VAL A 372 3.77 -16.42 -5.71
N MET A 373 2.91 -16.36 -4.70
CA MET A 373 3.23 -16.85 -3.34
C MET A 373 3.13 -18.38 -3.32
N ARG A 374 4.11 -19.03 -2.70
CA ARG A 374 4.16 -20.51 -2.54
CA ARG A 374 4.16 -20.51 -2.54
C ARG A 374 4.16 -20.84 -1.05
N VAL A 375 3.35 -21.82 -0.64
CA VAL A 375 3.33 -22.32 0.77
C VAL A 375 3.53 -23.83 0.75
N LYS A 376 4.56 -24.29 1.45
CA LYS A 376 4.89 -25.71 1.66
C LYS A 376 4.32 -26.11 3.02
N PHE A 377 3.61 -27.23 3.06
CA PHE A 377 2.94 -27.74 4.27
C PHE A 377 2.82 -29.26 4.13
N THR A 378 2.37 -29.91 5.21
CA THR A 378 2.19 -31.39 5.28
C THR A 378 0.71 -31.73 5.48
N VAL A 379 0.20 -32.69 4.70
CA VAL A 379 -1.15 -33.28 4.89
C VAL A 379 -0.97 -34.58 5.70
N ALA A 380 -1.65 -34.70 6.85
CA ALA A 380 -1.62 -35.90 7.74
C ALA A 380 -2.57 -36.97 7.18
N1 MSS B . 3.70 10.55 4.74
C2 MSS B . 4.59 11.42 5.33
N2 MSS B . 4.21 12.68 5.59
N3 MSS B . 5.87 11.08 5.66
C4 MSS B . 6.38 9.86 5.42
O4 MSS B . 7.55 9.59 5.75
N5 MSS B . 5.91 7.57 4.49
C6 MSS B . 5.17 6.96 3.39
C7 MSS B . 3.64 7.13 3.54
N8 MSS B . 3.27 8.45 3.91
C9 MSS B . 5.50 8.83 4.84
C10 MSS B . 4.12 9.30 4.49
C1' MSS B . 5.46 5.49 3.16
S1' MSS B . 6.94 5.01 2.43
C2' MSS B . 4.52 4.55 3.45
S2' MSS B . 4.72 2.93 3.01
C3' MSS B . 3.26 4.91 4.19
O3' MSS B . 3.16 6.28 4.53
C4' MSS B . 3.08 4.07 5.46
O4' MSS B . 1.80 4.34 6.04
P MSS B . 1.57 3.86 7.56
O1P MSS B . 1.29 2.36 7.43
O2P MSS B . 2.86 4.14 8.33
O3P MSS B . 0.36 4.68 8.01
MOM1 MSS B . 6.69 2.79 1.72
OM1 MSS B . 6.09 2.91 -0.04
C1 GOL C . 5.39 24.13 -3.91
O1 GOL C . 4.36 24.23 -2.93
C2 GOL C . 5.00 24.83 -5.19
O2 GOL C . 6.19 25.27 -5.87
C3 GOL C . 4.15 23.96 -6.11
O3 GOL C . 3.29 24.74 -6.95
C1 GOL D . -14.68 5.33 -3.80
O1 GOL D . -14.94 4.17 -3.01
C2 GOL D . -13.60 6.16 -3.16
O2 GOL D . -12.32 5.64 -3.54
C3 GOL D . -13.68 7.65 -3.42
O3 GOL D . -13.02 8.38 -2.39
C1 GOL E . -11.69 -22.27 8.08
O1 GOL E . -12.43 -22.52 6.87
C2 GOL E . -12.27 -21.12 8.84
O2 GOL E . -12.79 -21.62 10.08
C3 GOL E . -13.35 -20.38 8.06
O3 GOL E . -12.96 -19.07 7.67
P PO4 F . 8.19 22.05 0.79
O1 PO4 F . 8.19 22.37 -0.71
O2 PO4 F . 7.73 23.25 1.60
O3 PO4 F . 7.21 20.91 1.10
O4 PO4 F . 9.62 21.65 1.24
P PO4 G . 7.88 21.13 -5.27
O1 PO4 G . 6.69 20.64 -6.16
O2 PO4 G . 8.97 21.71 -6.19
O3 PO4 G . 7.46 22.23 -4.29
O4 PO4 G . 8.43 19.93 -4.50
P PO4 H . -14.32 0.36 -1.57
O1 PO4 H . -14.83 1.31 -2.67
O2 PO4 H . -14.97 -1.02 -1.70
O3 PO4 H . -14.65 0.95 -0.16
O4 PO4 H . -12.80 0.19 -1.77
P PO4 I . 9.99 1.67 1.65
O1 PO4 I . 9.71 0.92 0.41
O2 PO4 I . 11.29 2.47 1.51
O3 PO4 I . 8.83 2.61 1.99
O4 PO4 I . 10.16 0.66 2.84
C1 GOL J . -11.98 4.70 -13.11
O1 GOL J . -10.62 4.95 -12.78
C2 GOL J . -12.53 5.72 -14.08
O2 GOL J . -12.87 6.90 -13.36
C3 GOL J . -11.57 6.05 -15.22
O3 GOL J . -11.85 7.31 -15.82
#